data_4KZQ
#
_entry.id   4KZQ
#
_cell.length_a   92.800
_cell.length_b   97.460
_cell.length_c   117.560
_cell.angle_alpha   90.00
_cell.angle_beta   90.00
_cell.angle_gamma   90.00
#
_symmetry.space_group_name_H-M   'C 2 2 21'
#
loop_
_entity.id
_entity.type
_entity.pdbx_description
1 polymer Tankyrase-2
2 polymer Tankyrase-2
3 non-polymer 2-(4-HYDROXY-PHENYL)-CHROMAN-4-ONE
4 non-polymer 'ZINC ION'
5 non-polymer 'SULFATE ION'
6 water water
#
loop_
_entity_poly.entity_id
_entity_poly.type
_entity_poly.pdbx_seq_one_letter_code
_entity_poly.pdbx_strand_id
1 'polypeptide(L)'
;MHHHHHHSSGVDLGTENLYFQSMLNTSGSGTILIDLSPDDKEFQSVEEEMQSTVREHRDGGHAGGIFNRYNILKIQKVCN
KKLWERYTHRRKEVSEENHNHANERMLFHGSPFVNAIIHKGFDERHAYIGGMFGAGIYFAENSSKSNQYVYGIGGGTGCP
VHKDRSCYICHRQLLFCRVTLGKSFLQFSAM
;
A,B
2 'polypeptide(L)' KMAHSPPGHHSVTGRPSVNGLALAEYVIYRGEQAYPEYLITYQIMRPEG C,D
#
loop_
_chem_comp.id
_chem_comp.type
_chem_comp.name
_chem_comp.formula
DFL non-polymer 2-(4-HYDROXY-PHENYL)-CHROMAN-4-ONE 'C15 H12 O3'
SO4 non-polymer 'SULFATE ION' 'O4 S -2'
ZN non-polymer 'ZINC ION' 'Zn 2'
#
# COMPACT_ATOMS: atom_id res chain seq x y z
N GLY A 30 -22.28 28.03 12.27
CA GLY A 30 -23.44 28.42 11.46
C GLY A 30 -23.78 27.37 10.42
N THR A 31 -23.58 26.10 10.75
CA THR A 31 -23.93 25.03 9.83
C THR A 31 -25.39 24.60 10.06
N ILE A 32 -26.15 24.44 8.99
CA ILE A 32 -27.40 23.72 9.04
C ILE A 32 -27.43 22.53 8.04
N LEU A 33 -28.14 21.47 8.43
CA LEU A 33 -28.32 20.26 7.62
C LEU A 33 -29.76 20.16 7.11
N ILE A 34 -29.90 20.15 5.81
CA ILE A 34 -31.19 19.99 5.14
C ILE A 34 -31.33 18.55 4.65
N ASP A 35 -32.29 17.82 5.21
CA ASP A 35 -32.67 16.47 4.75
C ASP A 35 -33.13 16.43 3.32
N LEU A 36 -32.58 15.55 2.50
CA LEU A 36 -33.10 15.39 1.15
C LEU A 36 -34.10 14.29 1.17
N SER A 37 -35.13 14.41 0.34
CA SER A 37 -36.17 13.41 0.32
C SER A 37 -35.62 12.30 -0.58
N PRO A 38 -35.88 11.03 -0.25
CA PRO A 38 -35.46 9.99 -1.17
C PRO A 38 -36.11 10.05 -2.57
N ASP A 39 -37.17 10.85 -2.71
CA ASP A 39 -37.84 11.12 -3.98
C ASP A 39 -37.20 12.19 -4.82
N ASP A 40 -36.36 13.01 -4.20
CA ASP A 40 -35.61 14.05 -4.87
C ASP A 40 -34.48 13.44 -5.70
N LYS A 41 -34.24 14.02 -6.86
CA LYS A 41 -33.30 13.49 -7.82
C LYS A 41 -31.86 13.73 -7.35
N GLU A 42 -31.68 14.76 -6.56
CA GLU A 42 -30.43 15.06 -5.93
C GLU A 42 -30.05 13.95 -4.91
N PHE A 43 -31.01 13.50 -4.08
CA PHE A 43 -30.82 12.32 -3.23
C PHE A 43 -30.39 11.15 -4.08
N GLN A 44 -31.09 10.97 -5.20
CA GLN A 44 -30.91 9.80 -6.03
C GLN A 44 -29.54 9.78 -6.72
N SER A 45 -29.07 10.91 -7.24
CA SER A 45 -27.78 10.89 -7.91
C SER A 45 -26.64 10.66 -6.88
N VAL A 46 -26.82 11.15 -5.65
CA VAL A 46 -25.81 10.94 -4.59
C VAL A 46 -25.83 9.49 -4.14
N GLU A 47 -27.01 8.92 -3.91
CA GLU A 47 -27.09 7.49 -3.60
C GLU A 47 -26.39 6.68 -4.68
N GLU A 48 -26.56 7.05 -5.94
CA GLU A 48 -26.04 6.25 -7.05
C GLU A 48 -24.51 6.22 -7.12
N GLU A 49 -23.91 7.38 -6.86
CA GLU A 49 -22.46 7.54 -6.79
C GLU A 49 -21.86 6.75 -5.60
N MET A 50 -22.57 6.78 -4.48
CA MET A 50 -22.25 5.95 -3.35
C MET A 50 -22.28 4.43 -3.70
N GLN A 51 -23.41 3.92 -4.21
CA GLN A 51 -23.59 2.48 -4.43
C GLN A 51 -22.69 1.96 -5.58
N SER A 52 -22.59 2.72 -6.67
CA SER A 52 -21.93 2.25 -7.87
C SER A 52 -20.41 2.27 -7.77
N THR A 53 -19.86 3.00 -6.77
CA THR A 53 -18.42 3.03 -6.52
C THR A 53 -17.94 2.07 -5.41
N VAL A 54 -18.78 1.12 -4.99
CA VAL A 54 -18.30 0.06 -4.12
C VAL A 54 -17.40 -0.89 -4.90
N ARG A 55 -16.29 -1.30 -4.29
CA ARG A 55 -15.44 -2.33 -4.85
C ARG A 55 -14.99 -3.26 -3.77
N GLU A 56 -14.30 -4.29 -4.20
CA GLU A 56 -13.62 -5.22 -3.31
C GLU A 56 -12.29 -4.64 -2.89
N HIS A 57 -11.91 -4.96 -1.67
CA HIS A 57 -10.64 -4.45 -1.12
C HIS A 57 -9.67 -5.56 -0.84
N ARG A 58 -8.39 -5.25 -1.01
CA ARG A 58 -7.37 -6.27 -0.96
C ARG A 58 -7.19 -6.83 0.42
N ASP A 59 -7.74 -6.12 1.43
CA ASP A 59 -7.73 -6.66 2.80
C ASP A 59 -8.84 -7.66 3.11
N GLY A 60 -9.60 -8.05 2.10
CA GLY A 60 -10.71 -8.96 2.28
C GLY A 60 -11.83 -8.43 3.17
N GLY A 61 -11.87 -7.14 3.47
CA GLY A 61 -12.88 -6.59 4.42
C GLY A 61 -12.42 -6.29 5.82
N HIS A 62 -11.16 -6.56 6.11
CA HIS A 62 -10.61 -6.28 7.42
C HIS A 62 -10.91 -4.88 7.97
N ALA A 63 -10.51 -3.83 7.25
CA ALA A 63 -10.65 -2.44 7.73
C ALA A 63 -12.11 -1.99 7.68
N GLY A 64 -12.81 -2.26 6.58
CA GLY A 64 -14.11 -1.69 6.34
C GLY A 64 -15.28 -2.61 6.39
N GLY A 65 -15.02 -3.91 6.54
CA GLY A 65 -16.09 -4.90 6.56
C GLY A 65 -16.41 -5.49 5.18
N ILE A 66 -17.29 -6.47 5.19
CA ILE A 66 -17.65 -7.28 4.02
C ILE A 66 -19.08 -6.93 3.61
N PHE A 67 -19.22 -6.38 2.41
CA PHE A 67 -20.50 -5.90 1.87
C PHE A 67 -20.29 -5.62 0.39
N ASN A 68 -21.35 -5.72 -0.40
CA ASN A 68 -21.33 -5.27 -1.80
C ASN A 68 -22.16 -3.98 -1.99
N ARG A 69 -22.94 -3.59 -0.98
CA ARG A 69 -23.73 -2.38 -1.12
C ARG A 69 -24.15 -1.85 0.24
N TYR A 70 -24.84 -0.71 0.24
CA TYR A 70 -25.21 -0.05 1.47
C TYR A 70 -26.70 0.02 1.61
N ASN A 71 -27.13 0.15 2.85
CA ASN A 71 -28.45 0.65 3.12
C ASN A 71 -28.33 2.13 3.49
N ILE A 72 -28.73 3.00 2.57
CA ILE A 72 -28.67 4.43 2.79
C ILE A 72 -29.84 4.81 3.68
N LEU A 73 -29.56 5.46 4.80
CA LEU A 73 -30.57 5.77 5.82
C LEU A 73 -30.99 7.24 5.72
N LYS A 74 -30.05 8.10 5.33
CA LYS A 74 -30.30 9.53 5.22
C LYS A 74 -29.21 10.25 4.39
N ILE A 75 -29.61 11.30 3.67
CA ILE A 75 -28.67 12.18 2.98
C ILE A 75 -29.01 13.64 3.24
N GLN A 76 -28.07 14.36 3.85
CA GLN A 76 -28.24 15.76 4.19
C GLN A 76 -27.28 16.66 3.44
N LYS A 77 -27.82 17.78 2.97
CA LYS A 77 -27.04 18.86 2.38
C LYS A 77 -26.45 19.73 3.50
N VAL A 78 -25.14 19.96 3.44
CA VAL A 78 -24.47 20.78 4.43
C VAL A 78 -24.37 22.24 3.95
N CYS A 79 -24.96 23.17 4.71
CA CYS A 79 -24.98 24.60 4.36
C CYS A 79 -24.30 25.44 5.43
N ASN A 80 -23.22 26.05 5.01
CA ASN A 80 -22.46 26.95 5.85
C ASN A 80 -21.87 28.00 4.96
N LYS A 81 -22.44 29.20 5.06
CA LYS A 81 -21.96 30.38 4.34
C LYS A 81 -20.43 30.60 4.44
N LYS A 82 -19.91 30.76 5.65
CA LYS A 82 -18.53 31.05 5.84
C LYS A 82 -17.63 29.98 5.21
N LEU A 83 -17.93 28.71 5.43
CA LEU A 83 -17.08 27.66 4.91
C LEU A 83 -17.16 27.61 3.39
N TRP A 84 -18.33 27.94 2.84
CA TRP A 84 -18.52 27.95 1.38
C TRP A 84 -17.71 29.10 0.75
N GLU A 85 -17.82 30.32 1.29
CA GLU A 85 -17.07 31.45 0.75
C GLU A 85 -15.59 31.23 0.84
N ARG A 86 -15.18 30.54 1.90
CA ARG A 86 -13.78 30.20 2.05
C ARG A 86 -13.33 29.21 0.96
N TYR A 87 -14.18 28.24 0.65
CA TYR A 87 -13.89 27.28 -0.41
C TYR A 87 -13.81 27.98 -1.80
N THR A 88 -14.76 28.87 -2.10
CA THR A 88 -14.83 29.53 -3.42
C THR A 88 -13.75 30.55 -3.63
N HIS A 89 -13.29 31.16 -2.53
CA HIS A 89 -12.19 32.10 -2.62
C HIS A 89 -10.93 31.34 -3.05
N ARG A 90 -10.64 30.25 -2.37
CA ARG A 90 -9.47 29.46 -2.70
C ARG A 90 -9.58 28.83 -4.10
N ARG A 91 -10.80 28.44 -4.52
CA ARG A 91 -11.02 27.80 -5.83
C ARG A 91 -10.67 28.77 -6.99
N LYS A 92 -11.09 30.01 -6.88
CA LYS A 92 -10.64 31.09 -7.79
C LYS A 92 -9.13 31.30 -7.83
N GLU A 93 -8.45 31.24 -6.69
CA GLU A 93 -7.00 31.35 -6.74
C GLU A 93 -6.34 30.22 -7.54
N VAL A 94 -6.77 28.98 -7.28
CA VAL A 94 -6.20 27.81 -7.94
C VAL A 94 -6.52 27.92 -9.41
N SER A 95 -7.76 28.26 -9.71
CA SER A 95 -8.23 28.39 -11.08
C SER A 95 -7.37 29.35 -11.88
N GLU A 96 -7.10 30.52 -11.30
CA GLU A 96 -6.27 31.54 -11.91
C GLU A 96 -4.85 31.09 -12.07
N GLU A 97 -4.41 30.16 -11.23
CA GLU A 97 -3.07 29.58 -11.42
C GLU A 97 -3.07 28.37 -12.37
N ASN A 98 -4.23 28.01 -12.95
CA ASN A 98 -4.28 26.76 -13.76
C ASN A 98 -5.16 26.91 -14.97
N HIS A 99 -4.80 27.86 -15.85
CA HIS A 99 -5.58 28.22 -17.04
C HIS A 99 -7.08 28.22 -16.82
N ASN A 100 -7.54 28.97 -15.81
CA ASN A 100 -8.96 29.01 -15.35
C ASN A 100 -9.62 27.66 -15.18
N HIS A 101 -8.91 26.73 -14.59
CA HIS A 101 -9.47 25.41 -14.43
C HIS A 101 -9.19 24.94 -13.02
N ALA A 102 -10.23 24.97 -12.19
CA ALA A 102 -10.14 24.55 -10.79
C ALA A 102 -9.94 23.02 -10.69
N ASN A 103 -10.35 22.28 -11.72
CA ASN A 103 -10.31 20.81 -11.77
C ASN A 103 -11.03 20.23 -10.53
N GLU A 104 -12.30 20.66 -10.41
CA GLU A 104 -13.16 20.34 -9.27
C GLU A 104 -13.81 18.96 -9.43
N ARG A 105 -13.79 18.15 -8.38
CA ARG A 105 -14.37 16.81 -8.39
C ARG A 105 -15.34 16.66 -7.23
N MET A 106 -16.20 15.65 -7.27
CA MET A 106 -16.92 15.28 -6.10
C MET A 106 -16.33 13.94 -5.62
N LEU A 107 -15.82 13.93 -4.40
CA LEU A 107 -15.16 12.79 -3.85
C LEU A 107 -15.62 12.49 -2.40
N PHE A 108 -15.35 11.27 -1.98
CA PHE A 108 -15.78 10.78 -0.71
C PHE A 108 -14.70 10.95 0.36
N HIS A 109 -15.11 11.29 1.57
CA HIS A 109 -14.21 11.32 2.75
C HIS A 109 -14.84 10.60 3.94
N GLY A 110 -14.10 9.65 4.50
CA GLY A 110 -14.52 8.87 5.69
C GLY A 110 -13.68 9.19 6.91
N SER A 111 -14.31 9.53 8.03
CA SER A 111 -13.55 9.97 9.19
C SER A 111 -14.33 9.89 10.51
N PRO A 112 -13.62 9.59 11.62
CA PRO A 112 -14.23 9.76 12.94
C PRO A 112 -14.68 11.21 13.19
N PHE A 113 -14.13 12.19 12.48
CA PHE A 113 -14.40 13.61 12.82
C PHE A 113 -15.37 14.35 11.91
N VAL A 114 -16.29 13.63 11.27
CA VAL A 114 -17.23 14.26 10.33
C VAL A 114 -18.03 15.37 10.99
N ASN A 115 -18.45 15.18 12.26
CA ASN A 115 -19.17 16.24 13.01
C ASN A 115 -18.34 17.49 13.18
N ALA A 116 -17.06 17.37 13.49
CA ALA A 116 -16.23 18.57 13.50
C ALA A 116 -16.06 19.17 12.07
N ILE A 117 -15.92 18.30 11.07
CA ILE A 117 -15.70 18.80 9.71
C ILE A 117 -16.90 19.62 9.21
N ILE A 118 -18.10 19.12 9.43
CA ILE A 118 -19.26 19.88 8.96
C ILE A 118 -19.51 21.20 9.70
N HIS A 119 -18.98 21.36 10.91
CA HIS A 119 -19.17 22.61 11.67
C HIS A 119 -18.04 23.61 11.49
N LYS A 120 -16.81 23.14 11.36
CA LYS A 120 -15.65 24.00 11.34
C LYS A 120 -14.78 23.85 10.11
N GLY A 121 -15.14 22.93 9.18
CA GLY A 121 -14.43 22.77 7.92
C GLY A 121 -13.22 21.90 8.08
N PHE A 122 -12.59 21.55 6.95
CA PHE A 122 -11.34 20.74 6.96
C PHE A 122 -10.17 21.61 7.39
N ASP A 123 -9.30 21.07 8.23
CA ASP A 123 -7.97 21.65 8.48
C ASP A 123 -6.92 20.55 8.79
N GLU A 124 -5.69 20.97 9.05
CA GLU A 124 -4.57 20.08 9.45
C GLU A 124 -4.85 19.06 10.57
N ARG A 125 -5.83 19.32 11.42
CA ARG A 125 -6.28 18.30 12.38
C ARG A 125 -6.92 17.06 11.72
N HIS A 126 -7.33 17.17 10.45
CA HIS A 126 -7.89 16.03 9.68
C HIS A 126 -6.90 15.45 8.64
N ALA A 127 -5.59 15.73 8.82
CA ALA A 127 -4.55 15.32 7.89
C ALA A 127 -4.19 13.88 8.20
N TYR A 128 -3.76 13.13 7.18
CA TYR A 128 -3.35 11.75 7.34
C TYR A 128 -1.85 11.71 7.27
N ILE A 129 -1.23 11.84 8.44
CA ILE A 129 0.22 12.07 8.54
C ILE A 129 1.01 10.91 7.89
N GLY A 130 0.66 9.66 8.17
CA GLY A 130 1.31 8.52 7.51
C GLY A 130 0.70 8.05 6.18
N GLY A 131 0.06 8.94 5.43
CA GLY A 131 -0.51 8.57 4.15
C GLY A 131 0.57 8.35 3.09
N MET A 132 0.29 7.49 2.12
CA MET A 132 1.25 7.11 1.08
C MET A 132 1.78 8.33 0.36
N PHE A 133 0.93 9.33 0.12
CA PHE A 133 1.32 10.56 -0.60
C PHE A 133 1.59 11.71 0.34
N GLY A 134 1.88 11.40 1.59
CA GLY A 134 2.30 12.44 2.55
C GLY A 134 1.17 12.99 3.40
N ALA A 135 1.49 13.95 4.27
CA ALA A 135 0.57 14.40 5.29
C ALA A 135 -0.37 15.43 4.69
N GLY A 136 -1.50 14.94 4.20
CA GLY A 136 -2.55 15.83 3.71
C GLY A 136 -3.91 15.23 3.96
N ILE A 137 -4.94 15.86 3.42
CA ILE A 137 -6.31 15.37 3.57
C ILE A 137 -6.68 14.55 2.34
N TYR A 138 -7.08 13.30 2.59
CA TYR A 138 -7.25 12.27 1.56
C TYR A 138 -8.75 12.11 1.19
N PHE A 139 -9.00 11.88 -0.09
CA PHE A 139 -10.32 11.64 -0.65
C PHE A 139 -10.30 10.48 -1.63
N ALA A 140 -11.44 9.82 -1.77
CA ALA A 140 -11.53 8.66 -2.65
C ALA A 140 -12.66 8.78 -3.67
N GLU A 141 -12.39 8.23 -4.86
CA GLU A 141 -13.44 7.95 -5.83
C GLU A 141 -14.26 6.75 -5.40
N ASN A 142 -13.66 5.73 -4.82
CA ASN A 142 -14.43 4.59 -4.34
C ASN A 142 -15.02 4.91 -2.96
N SER A 143 -16.34 4.97 -2.87
CA SER A 143 -17.02 5.11 -1.56
C SER A 143 -16.53 4.04 -0.55
N SER A 144 -16.33 2.80 -1.03
CA SER A 144 -15.87 1.70 -0.17
C SER A 144 -14.47 1.94 0.42
N LYS A 145 -13.68 2.75 -0.26
CA LYS A 145 -12.38 3.13 0.28
C LYS A 145 -12.54 4.12 1.44
N SER A 146 -13.38 5.13 1.29
CA SER A 146 -13.55 6.07 2.39
C SER A 146 -14.18 5.36 3.59
N ASN A 147 -15.02 4.39 3.33
CA ASN A 147 -15.64 3.60 4.36
C ASN A 147 -14.64 2.93 5.30
N GLN A 148 -13.47 2.58 4.77
CA GLN A 148 -12.42 1.95 5.55
C GLN A 148 -11.82 2.88 6.62
N TYR A 149 -12.03 4.18 6.49
CA TYR A 149 -11.56 5.16 7.45
C TYR A 149 -12.63 5.69 8.39
N VAL A 150 -13.88 5.24 8.24
CA VAL A 150 -14.98 5.80 9.02
C VAL A 150 -14.78 5.61 10.52
N TYR A 151 -14.23 4.45 10.91
CA TYR A 151 -13.90 4.21 12.32
C TYR A 151 -12.45 4.47 12.65
N GLY A 152 -11.73 5.15 11.77
CA GLY A 152 -10.36 5.49 12.06
C GLY A 152 -9.47 4.81 11.06
N ILE A 153 -8.18 5.11 11.10
CA ILE A 153 -7.17 4.57 10.17
C ILE A 153 -7.20 3.05 10.28
N GLY A 154 -7.18 2.32 9.17
CA GLY A 154 -7.28 0.85 9.24
C GLY A 154 -8.60 0.32 9.84
N GLY A 155 -9.61 1.21 9.95
CA GLY A 155 -10.89 0.85 10.55
C GLY A 155 -10.87 0.89 12.08
N GLY A 156 -9.72 1.22 12.65
CA GLY A 156 -9.59 1.41 14.11
C GLY A 156 -10.01 0.13 14.80
N THR A 157 -10.82 0.21 15.85
CA THR A 157 -11.36 -0.97 16.53
C THR A 157 -12.84 -1.25 16.15
N GLY A 158 -13.27 -0.75 14.99
CA GLY A 158 -14.63 -0.96 14.54
C GLY A 158 -15.60 -0.04 15.25
N CYS A 159 -16.88 -0.36 15.14
CA CYS A 159 -17.95 0.47 15.70
C CYS A 159 -17.73 0.68 17.21
N PRO A 160 -18.06 1.88 17.73
CA PRO A 160 -17.97 2.04 19.20
C PRO A 160 -18.84 1.06 20.02
N VAL A 161 -19.94 0.56 19.48
CA VAL A 161 -20.85 -0.22 20.32
C VAL A 161 -20.44 -1.68 20.43
N HIS A 162 -19.99 -2.28 19.33
CA HIS A 162 -19.69 -3.72 19.26
C HIS A 162 -18.21 -4.01 18.98
N LYS A 163 -17.39 -2.98 18.83
CA LYS A 163 -15.98 -3.16 18.43
C LYS A 163 -15.86 -4.05 17.21
N ASP A 164 -16.73 -3.81 16.23
CA ASP A 164 -16.78 -4.67 15.06
C ASP A 164 -16.57 -3.84 13.78
N ARG A 165 -15.43 -4.04 13.12
CA ARG A 165 -15.11 -3.29 11.91
C ARG A 165 -16.08 -3.58 10.80
N SER A 166 -16.71 -4.74 10.88
CA SER A 166 -17.75 -5.14 9.94
C SER A 166 -19.19 -5.09 10.51
N CYS A 167 -19.45 -4.23 11.50
CA CYS A 167 -20.82 -4.11 12.06
C CYS A 167 -21.86 -3.80 10.99
N TYR A 168 -22.92 -4.61 10.96
CA TYR A 168 -24.05 -4.45 10.05
C TYR A 168 -25.22 -3.68 10.71
N ILE A 169 -25.05 -3.30 11.97
CA ILE A 169 -26.11 -2.67 12.78
C ILE A 169 -25.88 -1.17 12.98
N CYS A 170 -24.69 -0.83 13.43
CA CYS A 170 -24.41 0.57 13.75
C CYS A 170 -24.44 1.45 12.51
N HIS A 171 -24.83 2.71 12.71
CA HIS A 171 -24.89 3.72 11.65
C HIS A 171 -23.53 4.30 11.35
N ARG A 172 -23.17 4.36 10.07
CA ARG A 172 -21.94 5.01 9.64
C ARG A 172 -22.22 6.31 8.92
N GLN A 173 -21.22 7.18 8.91
CA GLN A 173 -21.31 8.44 8.14
C GLN A 173 -20.10 8.74 7.26
N LEU A 174 -20.38 9.04 5.99
CA LEU A 174 -19.40 9.52 5.02
C LEU A 174 -19.76 10.93 4.59
N LEU A 175 -18.76 11.65 4.08
CA LEU A 175 -19.00 12.91 3.37
C LEU A 175 -18.69 12.76 1.89
N PHE A 176 -19.59 13.36 1.09
CA PHE A 176 -19.40 13.52 -0.32
C PHE A 176 -19.12 15.00 -0.54
N CYS A 177 -17.92 15.29 -1.00
CA CYS A 177 -17.33 16.63 -0.93
C CYS A 177 -16.94 17.17 -2.31
N ARG A 178 -17.03 18.47 -2.48
CA ARG A 178 -16.51 19.21 -3.63
C ARG A 178 -15.04 19.53 -3.32
N VAL A 179 -14.12 19.03 -4.16
CA VAL A 179 -12.68 19.13 -3.88
C VAL A 179 -12.01 19.84 -5.06
N THR A 180 -11.25 20.90 -4.80
CA THR A 180 -10.53 21.58 -5.87
C THR A 180 -9.14 20.97 -6.03
N LEU A 181 -8.87 20.33 -7.17
CA LEU A 181 -7.56 19.63 -7.36
C LEU A 181 -6.51 20.48 -8.06
N GLY A 182 -6.98 21.48 -8.81
CA GLY A 182 -6.11 22.29 -9.66
C GLY A 182 -5.17 21.45 -10.48
N LYS A 183 -3.89 21.82 -10.47
CA LYS A 183 -2.88 21.04 -11.13
C LYS A 183 -2.43 19.92 -10.20
N SER A 184 -2.89 18.71 -10.51
CA SER A 184 -2.65 17.56 -9.67
C SER A 184 -1.39 16.79 -10.10
N PHE A 185 -0.48 16.56 -9.15
CA PHE A 185 0.72 15.76 -9.41
C PHE A 185 0.35 14.29 -9.45
N LEU A 186 0.76 13.63 -10.51
CA LEU A 186 0.31 12.31 -10.79
C LEU A 186 1.36 11.34 -10.26
N GLN A 187 0.93 10.51 -9.32
CA GLN A 187 1.76 9.52 -8.68
C GLN A 187 1.20 8.15 -8.94
N PHE A 188 1.91 7.35 -9.74
CA PHE A 188 1.51 5.99 -10.02
C PHE A 188 1.87 5.20 -8.77
N SER A 189 1.04 4.25 -8.41
CA SER A 189 1.30 3.51 -7.19
C SER A 189 0.81 2.10 -7.27
N ALA A 190 1.33 1.26 -6.37
CA ALA A 190 0.80 -0.09 -6.10
C ALA A 190 -0.69 -0.04 -5.73
N MET B 2 0.63 19.14 8.60
CA MET B 2 0.33 19.11 7.16
C MET B 2 1.52 19.51 6.28
N ALA B 3 1.81 18.69 5.26
CA ALA B 3 2.94 18.92 4.34
C ALA B 3 2.57 19.96 3.27
N HIS B 4 3.37 20.04 2.22
CA HIS B 4 3.09 20.97 1.13
C HIS B 4 2.82 20.19 -0.11
N SER B 5 2.12 20.83 -1.03
CA SER B 5 2.03 20.29 -2.39
C SER B 5 3.43 20.15 -2.99
N PRO B 6 3.62 19.18 -3.91
CA PRO B 6 4.80 19.35 -4.74
C PRO B 6 4.85 20.78 -5.31
N PRO B 7 6.05 21.37 -5.43
CA PRO B 7 6.06 22.70 -6.04
C PRO B 7 5.42 22.67 -7.43
N GLY B 8 4.70 23.74 -7.77
CA GLY B 8 3.95 23.78 -9.01
C GLY B 8 2.66 22.97 -9.08
N HIS B 9 2.18 22.40 -7.97
CA HIS B 9 0.99 21.53 -7.98
C HIS B 9 0.04 21.91 -6.85
N HIS B 10 -1.24 21.64 -7.00
CA HIS B 10 -2.20 22.00 -5.95
C HIS B 10 -2.74 20.77 -5.17
N SER B 11 -2.35 19.58 -5.60
CA SER B 11 -2.86 18.33 -5.03
C SER B 11 -2.06 17.21 -5.64
N VAL B 12 -2.21 16.00 -5.06
CA VAL B 12 -1.61 14.78 -5.61
C VAL B 12 -2.75 13.87 -6.02
N THR B 13 -2.54 13.12 -7.12
CA THR B 13 -3.40 12.01 -7.54
C THR B 13 -2.64 10.71 -7.42
N GLY B 14 -3.14 9.83 -6.55
CA GLY B 14 -2.71 8.46 -6.49
C GLY B 14 -3.47 7.62 -7.49
N ARG B 15 -2.80 7.23 -8.56
CA ARG B 15 -3.42 6.50 -9.63
C ARG B 15 -2.98 5.07 -9.37
N PRO B 16 -3.93 4.17 -9.08
CA PRO B 16 -3.48 2.84 -8.74
C PRO B 16 -3.01 2.19 -10.01
N SER B 17 -1.76 1.72 -10.06
CA SER B 17 -1.19 1.17 -11.31
C SER B 17 -1.36 -0.35 -11.38
N VAL B 18 -1.28 -1.02 -10.23
CA VAL B 18 -1.44 -2.49 -10.15
C VAL B 18 -2.90 -2.97 -10.22
N ASN B 19 -3.70 -2.65 -9.20
CA ASN B 19 -5.11 -3.09 -9.18
C ASN B 19 -5.96 -2.32 -10.18
N GLY B 20 -6.29 -3.00 -11.28
CA GLY B 20 -7.09 -2.43 -12.35
C GLY B 20 -8.47 -1.95 -11.97
N LEU B 21 -9.09 -2.59 -10.98
CA LEU B 21 -10.43 -2.21 -10.51
C LEU B 21 -10.49 -1.01 -9.53
N ALA B 22 -9.35 -0.60 -8.99
CA ALA B 22 -9.32 0.44 -8.00
C ALA B 22 -9.42 1.76 -8.68
N LEU B 23 -10.24 2.65 -8.15
CA LEU B 23 -10.25 4.00 -8.63
C LEU B 23 -9.21 4.84 -7.90
N ALA B 24 -9.07 6.08 -8.31
CA ALA B 24 -8.11 7.03 -7.82
C ALA B 24 -8.42 7.55 -6.42
N GLU B 25 -7.35 8.01 -5.77
CA GLU B 25 -7.41 8.68 -4.50
C GLU B 25 -6.68 10.03 -4.68
N TYR B 26 -7.05 11.04 -3.92
CA TYR B 26 -6.48 12.38 -4.10
C TYR B 26 -6.09 13.01 -2.75
N VAL B 27 -5.16 13.97 -2.78
CA VAL B 27 -4.67 14.57 -1.51
C VAL B 27 -4.52 16.06 -1.74
N ILE B 28 -5.13 16.85 -0.88
CA ILE B 28 -4.94 18.33 -0.88
C ILE B 28 -4.19 18.70 0.37
N TYR B 29 -3.53 19.85 0.35
CA TYR B 29 -2.68 20.24 1.48
C TYR B 29 -3.17 21.51 2.13
N ARG B 30 -4.40 21.87 1.78
CA ARG B 30 -5.07 23.09 2.26
C ARG B 30 -6.52 22.72 2.51
N GLY B 31 -7.01 22.99 3.72
CA GLY B 31 -8.37 22.65 4.08
C GLY B 31 -9.42 23.35 3.24
N GLU B 32 -9.08 24.56 2.79
CA GLU B 32 -9.99 25.44 2.08
C GLU B 32 -10.29 24.97 0.65
N GLN B 33 -9.56 23.96 0.18
CA GLN B 33 -9.77 23.31 -1.12
C GLN B 33 -10.79 22.16 -1.12
N ALA B 34 -11.51 21.97 -0.02
CA ALA B 34 -12.66 21.11 -0.04
C ALA B 34 -13.80 21.67 0.84
N TYR B 35 -15.02 21.37 0.42
CA TYR B 35 -16.27 21.76 1.09
C TYR B 35 -17.13 20.50 1.25
N PRO B 36 -17.51 20.15 2.48
CA PRO B 36 -18.27 18.94 2.73
C PRO B 36 -19.76 19.09 2.39
N GLU B 37 -20.16 18.76 1.16
CA GLU B 37 -21.50 19.06 0.69
C GLU B 37 -22.58 18.19 1.14
N TYR B 38 -22.34 16.89 1.20
CA TYR B 38 -23.39 15.96 1.60
C TYR B 38 -22.87 15.07 2.69
N LEU B 39 -23.69 14.97 3.73
CA LEU B 39 -23.49 14.04 4.84
C LEU B 39 -24.40 12.83 4.61
N ILE B 40 -23.78 11.68 4.40
CA ILE B 40 -24.52 10.45 4.10
C ILE B 40 -24.42 9.50 5.28
N THR B 41 -25.60 9.10 5.78
CA THR B 41 -25.74 8.18 6.88
C THR B 41 -26.23 6.81 6.33
N TYR B 42 -25.54 5.73 6.70
CA TYR B 42 -25.80 4.41 6.09
C TYR B 42 -25.43 3.23 6.97
N GLN B 43 -25.80 2.06 6.52
CA GLN B 43 -25.22 0.84 7.04
C GLN B 43 -24.67 0.10 5.88
N ILE B 44 -23.56 -0.59 6.05
CA ILE B 44 -23.16 -1.60 5.08
C ILE B 44 -24.10 -2.80 5.23
N MET B 45 -24.33 -3.51 4.14
CA MET B 45 -25.23 -4.67 4.15
C MET B 45 -24.51 -6.01 4.03
N ARG B 46 -24.80 -6.92 4.97
CA ARG B 46 -24.34 -8.31 4.88
C ARG B 46 -24.77 -8.97 3.54
N PRO B 47 -23.80 -9.49 2.74
CA PRO B 47 -24.21 -10.05 1.45
C PRO B 47 -25.10 -11.30 1.58
N GLU B 48 -25.82 -11.64 0.53
CA GLU B 48 -26.56 -12.91 0.49
C GLU B 48 -25.63 -14.07 0.75
N GLY C 30 -6.87 -16.73 -2.87
CA GLY C 30 -7.27 -16.60 -1.43
C GLY C 30 -6.29 -15.77 -0.60
N THR C 31 -5.67 -14.78 -1.23
CA THR C 31 -4.70 -13.95 -0.52
C THR C 31 -5.37 -12.69 -0.01
N ILE C 32 -5.21 -12.41 1.28
CA ILE C 32 -5.50 -11.09 1.79
C ILE C 32 -4.25 -10.41 2.38
N LEU C 33 -4.22 -9.07 2.22
CA LEU C 33 -3.16 -8.24 2.72
C LEU C 33 -3.69 -7.41 3.88
N ILE C 34 -2.98 -7.39 5.01
CA ILE C 34 -3.37 -6.62 6.19
C ILE C 34 -2.28 -5.58 6.46
N ASP C 35 -2.64 -4.30 6.40
CA ASP C 35 -1.69 -3.23 6.75
C ASP C 35 -1.29 -3.28 8.18
N LEU C 36 -0.01 -3.11 8.42
CA LEU C 36 0.48 -2.90 9.75
C LEU C 36 0.55 -1.40 10.01
N SER C 37 0.23 -1.02 11.23
CA SER C 37 0.38 0.36 11.69
C SER C 37 1.86 0.68 11.92
N PRO C 38 2.30 1.89 11.53
CA PRO C 38 3.65 2.29 11.87
C PRO C 38 3.95 2.45 13.36
N ASP C 39 2.91 2.52 14.21
CA ASP C 39 3.05 2.46 15.69
C ASP C 39 3.18 1.04 16.22
N ASP C 40 2.87 0.06 15.39
CA ASP C 40 2.99 -1.34 15.71
C ASP C 40 4.53 -1.69 15.72
N LYS C 41 4.95 -2.48 16.68
CA LYS C 41 6.34 -2.91 16.75
C LYS C 41 6.72 -3.86 15.64
N GLU C 42 5.75 -4.64 15.13
CA GLU C 42 6.02 -5.52 14.01
C GLU C 42 6.42 -4.69 12.79
N PHE C 43 5.72 -3.59 12.58
CA PHE C 43 6.10 -2.65 11.52
C PHE C 43 7.54 -2.15 11.71
N GLN C 44 7.85 -1.73 12.92
CA GLN C 44 9.11 -1.06 13.18
C GLN C 44 10.32 -1.97 13.02
N SER C 45 10.12 -3.20 13.41
CA SER C 45 11.11 -4.24 13.29
C SER C 45 11.42 -4.57 11.79
N VAL C 46 10.40 -4.65 10.96
CA VAL C 46 10.57 -4.94 9.56
C VAL C 46 11.25 -3.74 8.86
N GLU C 47 10.80 -2.54 9.20
CA GLU C 47 11.47 -1.33 8.74
C GLU C 47 12.95 -1.33 9.13
N GLU C 48 13.24 -1.70 10.38
CA GLU C 48 14.62 -1.65 10.86
C GLU C 48 15.47 -2.67 10.11
N GLU C 49 14.85 -3.80 9.80
CA GLU C 49 15.48 -4.83 9.04
C GLU C 49 15.86 -4.36 7.61
N MET C 50 14.96 -3.63 6.95
CA MET C 50 15.24 -2.94 5.65
C MET C 50 16.38 -1.95 5.76
N GLN C 51 16.23 -0.97 6.66
CA GLN C 51 17.13 0.20 6.70
C GLN C 51 18.56 -0.20 7.10
N SER C 52 18.65 -1.13 8.04
CA SER C 52 19.92 -1.51 8.63
C SER C 52 20.73 -2.44 7.71
N THR C 53 20.12 -2.99 6.67
CA THR C 53 20.81 -3.91 5.76
C THR C 53 21.02 -3.33 4.35
N VAL C 54 20.88 -2.02 4.24
CA VAL C 54 21.37 -1.27 3.10
C VAL C 54 22.93 -1.24 3.12
N ARG C 55 23.55 -1.44 1.95
CA ARG C 55 25.01 -1.27 1.76
C ARG C 55 25.32 -0.60 0.44
N GLU C 56 26.56 -0.22 0.26
CA GLU C 56 27.06 0.22 -1.08
C GLU C 56 27.24 -0.97 -2.00
N HIS C 57 26.97 -0.78 -3.30
CA HIS C 57 27.11 -1.86 -4.25
C HIS C 57 28.24 -1.53 -5.19
N ARG C 58 28.94 -2.55 -5.63
CA ARG C 58 30.14 -2.39 -6.48
C ARG C 58 29.84 -1.75 -7.84
N ASP C 59 28.55 -1.72 -8.21
CA ASP C 59 28.11 -1.12 -9.45
C ASP C 59 27.84 0.38 -9.36
N GLY C 60 28.15 0.98 -8.22
CA GLY C 60 28.00 2.42 -8.02
C GLY C 60 26.52 2.92 -8.09
N GLY C 61 25.53 2.04 -7.96
CA GLY C 61 24.10 2.43 -8.07
C GLY C 61 23.49 2.05 -9.41
N HIS C 62 24.30 1.55 -10.33
CA HIS C 62 23.79 1.28 -11.65
C HIS C 62 22.43 0.55 -11.67
N ALA C 63 22.38 -0.62 -11.03
CA ALA C 63 21.21 -1.47 -11.08
C ALA C 63 20.05 -0.94 -10.21
N GLY C 64 20.36 -0.52 -8.98
CA GLY C 64 19.32 -0.29 -7.99
C GLY C 64 19.10 1.14 -7.56
N GLY C 65 19.98 2.03 -7.99
CA GLY C 65 19.95 3.45 -7.57
C GLY C 65 21.03 3.82 -6.57
N ILE C 66 21.19 5.12 -6.37
CA ILE C 66 22.06 5.72 -5.37
C ILE C 66 21.21 6.19 -4.17
N PHE C 67 21.41 5.55 -3.03
CA PHE C 67 20.69 5.85 -1.81
C PHE C 67 21.42 5.21 -0.64
N ASN C 68 21.25 5.78 0.54
CA ASN C 68 21.66 5.17 1.82
C ASN C 68 20.51 4.63 2.65
N ARG C 69 19.29 5.01 2.29
CA ARG C 69 18.11 4.66 3.04
C ARG C 69 16.80 4.77 2.23
N TYR C 70 15.74 4.21 2.79
CA TYR C 70 14.48 4.13 2.11
C TYR C 70 13.48 5.04 2.79
N ASN C 71 12.45 5.44 2.06
CA ASN C 71 11.25 5.96 2.66
C ASN C 71 10.21 4.86 2.55
N ILE C 72 9.84 4.27 3.69
CA ILE C 72 8.92 3.15 3.80
C ILE C 72 7.50 3.69 3.81
N LEU C 73 6.71 3.32 2.81
CA LEU C 73 5.37 3.84 2.62
C LEU C 73 4.28 2.95 3.17
N LYS C 74 4.51 1.64 3.23
CA LYS C 74 3.52 0.70 3.69
C LYS C 74 4.14 -0.67 3.92
N ILE C 75 3.66 -1.36 4.96
CA ILE C 75 4.03 -2.76 5.19
C ILE C 75 2.79 -3.60 5.40
N GLN C 76 2.61 -4.61 4.57
CA GLN C 76 1.43 -5.47 4.64
C GLN C 76 1.80 -6.91 4.95
N LYS C 77 1.05 -7.53 5.88
CA LYS C 77 1.13 -8.97 6.09
C LYS C 77 0.39 -9.69 4.98
N VAL C 78 1.01 -10.75 4.46
CA VAL C 78 0.39 -11.56 3.41
C VAL C 78 -0.23 -12.85 4.01
N CYS C 79 -1.54 -13.01 3.89
CA CYS C 79 -2.20 -14.16 4.47
C CYS C 79 -2.87 -14.93 3.35
N ASN C 80 -2.48 -16.18 3.23
CA ASN C 80 -3.10 -17.12 2.30
C ASN C 80 -2.91 -18.50 2.91
N LYS C 81 -4.02 -19.16 3.20
CA LYS C 81 -4.04 -20.41 3.98
C LYS C 81 -3.44 -21.56 3.21
N LYS C 82 -3.76 -21.64 1.93
CA LYS C 82 -3.27 -22.72 1.09
C LYS C 82 -1.76 -22.59 0.87
N LEU C 83 -1.26 -21.38 0.63
CA LEU C 83 0.18 -21.18 0.44
C LEU C 83 0.95 -21.46 1.73
N TRP C 84 0.37 -21.09 2.87
CA TRP C 84 0.97 -21.33 4.16
C TRP C 84 1.05 -22.82 4.49
N GLU C 85 -0.03 -23.54 4.19
CA GLU C 85 -0.08 -24.98 4.49
C GLU C 85 0.94 -25.71 3.64
N ARG C 86 1.05 -25.31 2.38
CA ARG C 86 2.04 -25.82 1.43
C ARG C 86 3.47 -25.58 1.98
N TYR C 87 3.74 -24.36 2.43
CA TYR C 87 5.06 -24.04 2.96
C TYR C 87 5.40 -24.86 4.21
N THR C 88 4.46 -24.95 5.13
CA THR C 88 4.68 -25.67 6.41
C THR C 88 4.74 -27.18 6.26
N HIS C 89 4.12 -27.71 5.21
CA HIS C 89 4.24 -29.10 4.87
C HIS C 89 5.64 -29.40 4.33
N ARG C 90 6.12 -28.54 3.46
CA ARG C 90 7.47 -28.66 2.94
C ARG C 90 8.53 -28.45 4.02
N ARG C 91 8.31 -27.48 4.90
CA ARG C 91 9.23 -27.20 6.02
C ARG C 91 9.40 -28.45 6.95
N LYS C 92 8.29 -29.13 7.24
CA LYS C 92 8.30 -30.39 8.02
C LYS C 92 9.15 -31.49 7.38
N GLU C 93 9.09 -31.63 6.06
CA GLU C 93 9.88 -32.66 5.36
C GLU C 93 11.31 -32.30 5.48
N VAL C 94 11.62 -31.04 5.18
CA VAL C 94 13.01 -30.58 5.19
C VAL C 94 13.59 -30.74 6.59
N SER C 95 12.82 -30.29 7.56
CA SER C 95 13.24 -30.35 8.95
C SER C 95 13.60 -31.76 9.39
N GLU C 96 12.74 -32.71 9.04
CA GLU C 96 12.91 -34.12 9.39
C GLU C 96 14.11 -34.75 8.69
N GLU C 97 14.33 -34.41 7.42
CA GLU C 97 15.54 -34.82 6.71
C GLU C 97 16.80 -34.19 7.24
N ASN C 98 16.68 -33.07 7.96
CA ASN C 98 17.86 -32.39 8.48
C ASN C 98 17.90 -32.48 10.01
N HIS C 99 17.26 -33.54 10.51
CA HIS C 99 17.36 -33.98 11.88
C HIS C 99 16.76 -32.97 12.84
N ASN C 100 15.52 -32.61 12.54
CA ASN C 100 14.73 -31.69 13.32
C ASN C 100 15.27 -30.26 13.32
N HIS C 101 15.67 -29.77 12.15
CA HIS C 101 16.19 -28.41 12.03
C HIS C 101 15.86 -27.88 10.65
N ALA C 102 14.81 -27.05 10.58
CA ALA C 102 14.40 -26.39 9.34
C ALA C 102 15.40 -25.34 8.86
N ASN C 103 16.19 -24.77 9.77
CA ASN C 103 17.10 -23.68 9.38
C ASN C 103 16.34 -22.59 8.65
N GLU C 104 15.29 -22.10 9.32
CA GLU C 104 14.42 -21.09 8.75
C GLU C 104 14.93 -19.67 9.01
N ARG C 105 14.92 -18.82 7.97
CA ARG C 105 15.42 -17.44 8.04
C ARG C 105 14.36 -16.48 7.49
N MET C 106 14.52 -15.19 7.77
CA MET C 106 13.73 -14.13 7.13
C MET C 106 14.68 -13.39 6.23
N LEU C 107 14.31 -13.31 4.95
CA LEU C 107 15.19 -12.83 3.88
C LEU C 107 14.39 -12.05 2.80
N PHE C 108 15.06 -11.12 2.13
CA PHE C 108 14.43 -10.28 1.11
C PHE C 108 14.39 -10.92 -0.25
N HIS C 109 13.35 -10.59 -1.02
CA HIS C 109 13.24 -10.97 -2.44
C HIS C 109 12.65 -9.83 -3.26
N GLY C 110 13.37 -9.42 -4.29
CA GLY C 110 12.94 -8.31 -5.15
C GLY C 110 12.65 -8.77 -6.56
N SER C 111 11.49 -8.44 -7.09
CA SER C 111 11.08 -8.96 -8.39
C SER C 111 9.96 -8.17 -9.02
N PRO C 112 9.98 -8.03 -10.34
CA PRO C 112 8.76 -7.58 -11.06
C PRO C 112 7.49 -8.42 -10.78
N PHE C 113 7.63 -9.71 -10.47
CA PHE C 113 6.44 -10.56 -10.37
C PHE C 113 5.91 -10.64 -8.93
N VAL C 114 6.29 -9.70 -8.08
CA VAL C 114 5.86 -9.66 -6.69
C VAL C 114 4.34 -9.84 -6.61
N ASN C 115 3.60 -9.29 -7.57
CA ASN C 115 2.17 -9.45 -7.55
C ASN C 115 1.68 -10.87 -7.85
N ALA C 116 2.35 -11.57 -8.75
CA ALA C 116 2.03 -12.99 -8.95
C ALA C 116 2.38 -13.81 -7.73
N ILE C 117 3.53 -13.52 -7.14
CA ILE C 117 4.05 -14.27 -5.99
C ILE C 117 3.12 -14.26 -4.79
N ILE C 118 2.62 -13.09 -4.42
CA ILE C 118 1.72 -13.06 -3.26
C ILE C 118 0.38 -13.80 -3.51
N HIS C 119 -0.05 -13.90 -4.76
CA HIS C 119 -1.32 -14.61 -5.07
C HIS C 119 -1.12 -16.10 -5.34
N LYS C 120 -0.12 -16.44 -6.12
CA LYS C 120 0.07 -17.82 -6.54
C LYS C 120 1.25 -18.52 -5.87
N GLY C 121 2.17 -17.77 -5.25
CA GLY C 121 3.34 -18.39 -4.53
C GLY C 121 4.59 -18.42 -5.40
N PHE C 122 5.72 -18.80 -4.85
CA PHE C 122 6.93 -19.00 -5.65
C PHE C 122 6.87 -20.28 -6.46
N ASP C 123 7.36 -20.29 -7.70
CA ASP C 123 7.66 -21.55 -8.42
C ASP C 123 8.73 -21.37 -9.51
N GLU C 124 9.02 -22.41 -10.27
CA GLU C 124 10.10 -22.34 -11.30
C GLU C 124 10.04 -21.14 -12.30
N ARG C 125 8.90 -20.46 -12.41
CA ARG C 125 8.84 -19.21 -13.17
C ARG C 125 9.70 -18.12 -12.53
N HIS C 126 9.86 -18.17 -11.20
CA HIS C 126 10.58 -17.13 -10.44
C HIS C 126 12.10 -17.46 -10.28
N ALA C 127 12.54 -18.52 -11.01
CA ALA C 127 13.95 -18.96 -11.02
C ALA C 127 14.86 -18.08 -11.86
N TYR C 128 16.01 -17.76 -11.28
CA TYR C 128 17.03 -16.94 -11.88
C TYR C 128 17.93 -17.92 -12.60
N ILE C 129 17.69 -18.08 -13.90
CA ILE C 129 18.37 -19.09 -14.70
C ILE C 129 19.87 -18.82 -14.79
N GLY C 130 20.28 -17.56 -14.88
CA GLY C 130 21.68 -17.23 -15.02
C GLY C 130 22.36 -16.87 -13.73
N GLY C 131 21.83 -17.30 -12.59
CA GLY C 131 22.42 -16.97 -11.31
C GLY C 131 23.72 -17.73 -11.07
N MET C 132 24.62 -17.08 -10.32
CA MET C 132 25.93 -17.63 -9.98
C MET C 132 25.91 -18.98 -9.25
N PHE C 133 24.88 -19.23 -8.46
CA PHE C 133 24.82 -20.40 -7.64
C PHE C 133 23.85 -21.42 -8.20
N GLY C 134 23.55 -21.32 -9.50
CA GLY C 134 22.62 -22.25 -10.15
C GLY C 134 21.26 -21.63 -10.40
N ALA C 135 20.42 -22.33 -11.16
CA ALA C 135 19.06 -21.86 -11.45
C ALA C 135 18.05 -22.20 -10.34
N GLY C 136 17.80 -21.23 -9.45
CA GLY C 136 16.76 -21.37 -8.44
C GLY C 136 16.21 -20.01 -8.05
N ILE C 137 15.55 -19.97 -6.91
CA ILE C 137 14.98 -18.72 -6.39
C ILE C 137 15.97 -18.09 -5.38
N TYR C 138 16.34 -16.84 -5.67
CA TYR C 138 17.36 -16.12 -4.94
C TYR C 138 16.72 -15.18 -3.91
N PHE C 139 17.35 -15.10 -2.73
CA PHE C 139 16.98 -14.24 -1.59
C PHE C 139 18.23 -13.62 -1.02
N ALA C 140 18.09 -12.45 -0.40
CA ALA C 140 19.20 -11.70 0.14
C ALA C 140 19.05 -11.27 1.59
N GLU C 141 20.18 -11.30 2.30
CA GLU C 141 20.25 -10.65 3.62
C GLU C 141 20.30 -9.10 3.52
N ASN C 142 20.91 -8.58 2.46
CA ASN C 142 20.90 -7.13 2.22
C ASN C 142 19.64 -6.71 1.45
N SER C 143 18.77 -5.95 2.09
CA SER C 143 17.61 -5.39 1.40
C SER C 143 18.02 -4.73 0.07
N SER C 144 19.13 -3.99 0.12
CA SER C 144 19.62 -3.23 -1.04
C SER C 144 20.03 -4.13 -2.18
N LYS C 145 20.37 -5.39 -1.87
CA LYS C 145 20.66 -6.40 -2.93
C LYS C 145 19.36 -6.80 -3.63
N SER C 146 18.33 -7.06 -2.85
CA SER C 146 17.02 -7.39 -3.46
C SER C 146 16.47 -6.21 -4.25
N ASN C 147 16.75 -4.97 -3.82
CA ASN C 147 16.33 -3.77 -4.53
C ASN C 147 16.84 -3.67 -5.97
N GLN C 148 18.01 -4.26 -6.21
CA GLN C 148 18.60 -4.31 -7.56
C GLN C 148 17.76 -5.14 -8.54
N TYR C 149 16.89 -6.04 -8.08
CA TYR C 149 16.06 -6.90 -8.95
C TYR C 149 14.59 -6.47 -9.08
N VAL C 150 14.23 -5.40 -8.39
CA VAL C 150 12.81 -4.98 -8.29
C VAL C 150 12.26 -4.65 -9.67
N TYR C 151 13.02 -3.91 -10.46
CA TYR C 151 12.65 -3.66 -11.85
C TYR C 151 13.26 -4.66 -12.84
N GLY C 152 13.76 -5.80 -12.37
CA GLY C 152 14.29 -6.84 -13.29
C GLY C 152 15.76 -7.09 -13.06
N ILE C 153 16.27 -8.12 -13.72
CA ILE C 153 17.71 -8.45 -13.67
C ILE C 153 18.53 -7.22 -14.10
N GLY C 154 19.45 -6.81 -13.25
CA GLY C 154 20.33 -5.65 -13.53
C GLY C 154 19.58 -4.34 -13.38
N GLY C 155 18.43 -4.42 -12.72
CA GLY C 155 17.48 -3.33 -12.64
C GLY C 155 16.69 -3.04 -13.90
N GLY C 156 16.79 -3.90 -14.93
CA GLY C 156 16.01 -3.75 -16.16
C GLY C 156 16.25 -2.40 -16.77
N THR C 157 15.19 -1.74 -17.20
CA THR C 157 15.27 -0.36 -17.72
C THR C 157 14.72 0.65 -16.71
N GLY C 158 14.63 0.20 -15.46
CA GLY C 158 14.20 1.04 -14.37
C GLY C 158 12.70 1.17 -14.23
N CYS C 159 12.27 2.24 -13.58
CA CYS C 159 10.86 2.45 -13.33
C CYS C 159 10.07 2.49 -14.64
N PRO C 160 8.85 1.96 -14.59
CA PRO C 160 7.96 2.02 -15.75
C PRO C 160 7.78 3.45 -16.28
N VAL C 161 7.64 4.45 -15.41
CA VAL C 161 7.24 5.79 -15.85
C VAL C 161 8.41 6.57 -16.43
N HIS C 162 9.54 6.58 -15.75
CA HIS C 162 10.69 7.38 -16.18
C HIS C 162 11.87 6.58 -16.77
N LYS C 163 11.81 5.25 -16.74
CA LYS C 163 12.95 4.45 -17.22
C LYS C 163 14.20 4.79 -16.46
N ASP C 164 14.08 4.91 -15.14
CA ASP C 164 15.15 5.37 -14.31
C ASP C 164 15.38 4.37 -13.15
N ARG C 165 16.49 3.66 -13.24
CA ARG C 165 16.88 2.72 -12.22
C ARG C 165 17.12 3.39 -10.87
N SER C 166 17.45 4.69 -10.89
CA SER C 166 17.58 5.43 -9.64
C SER C 166 16.40 6.33 -9.30
N CYS C 167 15.21 5.97 -9.76
CA CYS C 167 14.06 6.86 -9.59
C CYS C 167 13.74 7.02 -8.11
N TYR C 168 13.69 8.28 -7.66
CA TYR C 168 13.30 8.65 -6.29
C TYR C 168 11.80 8.97 -6.11
N ILE C 169 11.03 8.92 -7.20
CA ILE C 169 9.59 9.23 -7.18
C ILE C 169 8.74 7.96 -7.10
N CYS C 170 9.04 6.99 -7.96
CA CYS C 170 8.16 5.86 -8.13
C CYS C 170 8.28 4.84 -7.02
N HIS C 171 7.16 4.21 -6.75
CA HIS C 171 6.97 3.32 -5.59
C HIS C 171 7.53 1.94 -5.88
N ARG C 172 8.30 1.35 -4.96
CA ARG C 172 8.90 0.03 -5.21
C ARG C 172 8.27 -0.96 -4.28
N GLN C 173 8.40 -2.24 -4.57
CA GLN C 173 7.91 -3.25 -3.67
C GLN C 173 8.88 -4.38 -3.57
N LEU C 174 9.08 -4.88 -2.36
CA LEU C 174 9.73 -6.14 -2.23
C LEU C 174 9.18 -6.95 -1.08
N LEU C 175 9.58 -8.22 -1.00
CA LEU C 175 9.05 -9.13 -0.02
C LEU C 175 10.06 -9.42 1.03
N PHE C 176 9.58 -9.59 2.25
CA PHE C 176 10.38 -10.07 3.34
C PHE C 176 9.71 -11.40 3.69
N CYS C 177 10.44 -12.46 3.39
CA CYS C 177 9.95 -13.81 3.27
C CYS C 177 10.56 -14.77 4.30
N ARG C 178 9.76 -15.76 4.68
CA ARG C 178 10.18 -16.82 5.54
C ARG C 178 10.76 -17.92 4.62
N VAL C 179 12.03 -18.27 4.81
CA VAL C 179 12.75 -19.21 3.95
C VAL C 179 13.30 -20.44 4.71
N THR C 180 12.90 -21.63 4.28
CA THR C 180 13.47 -22.87 4.84
C THR C 180 14.74 -23.28 4.06
N LEU C 181 15.88 -23.22 4.73
CA LEU C 181 17.17 -23.56 4.11
C LEU C 181 17.59 -25.01 4.27
N GLY C 182 17.07 -25.65 5.32
CA GLY C 182 17.57 -26.94 5.73
C GLY C 182 19.09 -27.03 5.75
N LYS C 183 19.58 -28.16 5.27
CA LYS C 183 21.02 -28.36 5.06
C LYS C 183 21.52 -27.48 3.92
N SER C 184 22.20 -26.38 4.25
CA SER C 184 22.61 -25.45 3.19
C SER C 184 24.04 -25.71 2.75
N PHE C 185 24.28 -25.75 1.44
CA PHE C 185 25.62 -25.98 0.88
C PHE C 185 26.31 -24.66 0.84
N LEU C 186 27.45 -24.57 1.50
CA LEU C 186 28.10 -23.30 1.61
C LEU C 186 29.00 -23.13 0.38
N GLN C 187 28.78 -22.04 -0.34
CA GLN C 187 29.58 -21.68 -1.50
C GLN C 187 30.19 -20.30 -1.33
N PHE C 188 31.51 -20.19 -1.21
CA PHE C 188 32.17 -18.87 -1.19
C PHE C 188 32.20 -18.30 -2.61
N SER C 189 31.97 -17.01 -2.72
CA SER C 189 31.92 -16.34 -4.00
C SER C 189 32.91 -15.24 -3.96
N ALA C 190 33.50 -14.95 -5.12
CA ALA C 190 34.52 -13.92 -5.26
C ALA C 190 33.95 -12.49 -5.19
N MET C 191 32.63 -12.36 -5.27
CA MET C 191 31.96 -11.06 -5.06
C MET C 191 32.31 -10.41 -3.68
N MET D 2 14.32 -25.21 -13.38
CA MET D 2 14.84 -25.08 -12.00
C MET D 2 15.83 -26.22 -11.75
N ALA D 3 17.09 -25.88 -11.46
CA ALA D 3 18.11 -26.87 -11.12
C ALA D 3 17.62 -27.60 -9.88
N HIS D 4 18.20 -28.77 -9.60
CA HIS D 4 17.94 -29.44 -8.34
C HIS D 4 19.01 -29.02 -7.34
N SER D 5 18.69 -29.19 -6.08
CA SER D 5 19.59 -28.80 -5.03
C SER D 5 20.82 -29.74 -5.05
N PRO D 6 21.99 -29.26 -4.59
CA PRO D 6 23.14 -30.16 -4.40
C PRO D 6 22.76 -31.44 -3.64
N PRO D 7 23.31 -32.61 -4.03
CA PRO D 7 23.00 -33.87 -3.33
C PRO D 7 23.04 -33.82 -1.79
N GLY D 8 21.91 -34.18 -1.18
CA GLY D 8 21.78 -34.11 0.26
C GLY D 8 21.65 -32.69 0.79
N HIS D 9 21.49 -31.68 -0.06
CA HIS D 9 21.34 -30.29 0.42
C HIS D 9 20.00 -29.75 -0.02
N HIS D 10 19.44 -28.84 0.77
CA HIS D 10 18.12 -28.28 0.48
C HIS D 10 18.19 -26.85 -0.07
N SER D 11 19.40 -26.28 -0.07
CA SER D 11 19.64 -24.89 -0.44
C SER D 11 21.12 -24.65 -0.62
N VAL D 12 21.43 -23.51 -1.22
CA VAL D 12 22.78 -22.98 -1.28
C VAL D 12 22.86 -21.63 -0.57
N THR D 13 23.95 -21.46 0.20
CA THR D 13 24.40 -20.21 0.78
C THR D 13 25.60 -19.70 -0.04
N GLY D 14 25.37 -18.56 -0.71
CA GLY D 14 26.37 -17.82 -1.43
C GLY D 14 26.90 -16.73 -0.52
N ARG D 15 28.16 -16.85 -0.18
CA ARG D 15 28.73 -15.97 0.82
C ARG D 15 29.85 -15.18 0.19
N PRO D 16 29.68 -13.86 0.06
CA PRO D 16 30.78 -13.04 -0.48
C PRO D 16 32.07 -13.20 0.34
N SER D 17 33.19 -13.41 -0.38
CA SER D 17 34.49 -13.60 0.28
C SER D 17 35.46 -12.44 0.06
N VAL D 18 35.09 -11.48 -0.79
CA VAL D 18 35.95 -10.30 -1.03
C VAL D 18 35.43 -9.04 -0.34
N ASN D 19 34.19 -8.64 -0.62
CA ASN D 19 33.59 -7.52 0.12
C ASN D 19 33.07 -7.97 1.49
N GLY D 20 33.85 -7.65 2.52
CA GLY D 20 33.58 -8.05 3.87
C GLY D 20 32.35 -7.40 4.46
N LEU D 21 31.75 -6.46 3.74
CA LEU D 21 30.51 -5.84 4.20
C LEU D 21 29.30 -6.38 3.45
N ALA D 22 29.52 -7.29 2.53
CA ALA D 22 28.41 -7.85 1.77
C ALA D 22 27.91 -9.08 2.49
N LEU D 23 26.60 -9.10 2.75
CA LEU D 23 25.99 -10.21 3.47
C LEU D 23 25.65 -11.31 2.48
N ALA D 24 25.17 -12.44 3.00
CA ALA D 24 24.98 -13.63 2.19
C ALA D 24 23.72 -13.59 1.33
N GLU D 25 23.73 -14.47 0.33
CA GLU D 25 22.61 -14.66 -0.58
C GLU D 25 22.30 -16.15 -0.55
N TYR D 26 21.04 -16.50 -0.72
CA TYR D 26 20.60 -17.88 -0.59
C TYR D 26 19.72 -18.28 -1.77
N VAL D 27 19.76 -19.57 -2.07
CA VAL D 27 19.08 -20.13 -3.23
C VAL D 27 18.39 -21.40 -2.80
N ILE D 28 17.11 -21.49 -3.15
CA ILE D 28 16.28 -22.66 -2.99
C ILE D 28 15.80 -23.16 -4.35
N TYR D 29 15.47 -24.45 -4.38
CA TYR D 29 15.12 -25.14 -5.65
C TYR D 29 13.67 -25.60 -5.65
N ARG D 30 12.89 -25.17 -4.65
CA ARG D 30 11.47 -25.54 -4.55
C ARG D 30 10.71 -24.31 -4.07
N GLY D 31 9.64 -23.96 -4.75
CA GLY D 31 8.88 -22.77 -4.40
C GLY D 31 8.19 -22.91 -3.06
N GLU D 32 7.87 -24.14 -2.68
CA GLU D 32 7.23 -24.45 -1.42
C GLU D 32 8.14 -24.15 -0.21
N GLN D 33 9.43 -23.88 -0.44
CA GLN D 33 10.38 -23.61 0.65
C GLN D 33 10.57 -22.12 0.99
N ALA D 34 9.71 -21.26 0.43
CA ALA D 34 9.64 -19.86 0.85
C ALA D 34 8.18 -19.40 0.96
N TYR D 35 7.86 -18.58 1.96
CA TYR D 35 6.52 -17.97 2.08
C TYR D 35 6.70 -16.45 2.09
N PRO D 36 5.99 -15.73 1.19
CA PRO D 36 6.10 -14.25 1.11
C PRO D 36 5.31 -13.58 2.19
N GLU D 37 5.90 -13.34 3.34
CA GLU D 37 5.16 -12.97 4.52
C GLU D 37 4.76 -11.49 4.62
N TYR D 38 5.68 -10.59 4.25
CA TYR D 38 5.46 -9.15 4.27
C TYR D 38 5.71 -8.55 2.89
N LEU D 39 4.84 -7.63 2.52
CA LEU D 39 4.99 -6.89 1.30
C LEU D 39 5.30 -5.43 1.70
N ILE D 40 6.43 -4.92 1.22
CA ILE D 40 6.95 -3.63 1.66
C ILE D 40 6.96 -2.71 0.46
N THR D 41 6.23 -1.61 0.60
CA THR D 41 6.14 -0.58 -0.42
C THR D 41 6.96 0.63 0.01
N TYR D 42 7.86 1.08 -0.89
CA TYR D 42 8.87 2.07 -0.50
C TYR D 42 9.38 2.90 -1.65
N GLN D 43 10.09 3.95 -1.29
CA GLN D 43 10.93 4.68 -2.22
C GLN D 43 12.37 4.61 -1.72
N ILE D 44 13.34 4.68 -2.62
CA ILE D 44 14.72 4.89 -2.20
C ILE D 44 14.81 6.40 -2.04
N MET D 45 15.65 6.87 -1.12
CA MET D 45 15.87 8.31 -0.85
C MET D 45 17.16 8.90 -1.45
N ARG D 46 17.07 10.09 -2.05
CA ARG D 46 18.26 10.78 -2.57
C ARG D 46 19.15 11.23 -1.41
N PRO D 47 20.45 10.86 -1.41
CA PRO D 47 21.27 11.34 -0.27
C PRO D 47 21.40 12.85 -0.31
N GLU D 48 21.58 13.47 0.84
CA GLU D 48 21.56 14.95 0.95
C GLU D 48 22.90 15.65 1.10
C1 DFL E . -7.42 7.26 1.03
C2 DFL E . -8.67 7.47 0.44
C3 DFL E . -9.71 8.02 1.21
C4 DFL E . -9.52 8.31 2.56
C5 DFL E . -8.26 8.12 3.12
C6 DFL E . -7.21 7.57 2.39
C7 DFL E . -10.55 8.87 3.35
C8 DFL E . -10.25 9.32 4.63
C9 DFL E . -8.98 9.16 5.18
O1 DFL E . -8.03 8.49 4.44
C10 DFL E . -8.59 9.56 6.52
C11 DFL E . -9.47 10.14 7.43
C12 DFL E . -9.09 10.52 8.72
C13 DFL E . -7.76 10.31 9.10
C14 DFL E . -6.85 9.71 8.22
C15 DFL E . -7.26 9.35 6.94
O2 DFL E . -11.73 8.95 2.96
O4 DFL E . -7.33 10.66 10.32
ZN ZN F . -21.84 -1.93 15.90
S SO4 G . -7.23 -1.78 -1.15
O1 SO4 G . -6.95 -0.59 -1.98
O2 SO4 G . -7.86 -2.78 -2.03
O3 SO4 G . -5.96 -2.25 -0.62
O4 SO4 G . -8.07 -1.24 -0.06
S SO4 H . -25.70 -8.58 -1.83
O1 SO4 H . -26.48 -8.07 -2.98
O2 SO4 H . -24.31 -8.73 -2.30
O3 SO4 H . -26.18 -9.88 -1.35
O4 SO4 H . -25.78 -7.60 -0.72
C1 DFL I . 20.61 -12.27 -5.39
C2 DFL I . 20.02 -11.78 -4.23
C3 DFL I . 18.67 -11.39 -4.21
C4 DFL I . 17.90 -11.48 -5.38
C5 DFL I . 18.49 -12.03 -6.52
C6 DFL I . 19.83 -12.40 -6.54
C7 DFL I . 16.52 -11.10 -5.34
C8 DFL I . 15.78 -11.39 -6.47
C9 DFL I . 16.40 -11.96 -7.61
O1 DFL I . 17.75 -12.18 -7.66
C10 DFL I . 15.72 -12.26 -8.81
C11 DFL I . 16.43 -12.77 -9.90
C12 DFL I . 15.79 -13.06 -11.11
C13 DFL I . 14.41 -12.87 -11.24
C14 DFL I . 13.67 -12.37 -10.18
C15 DFL I . 14.32 -12.08 -8.98
O2 DFL I . 16.00 -10.57 -4.33
O4 DFL I . 13.81 -13.17 -12.41
ZN ZN J . 9.94 6.67 -11.85
S SO4 K . 27.38 -5.89 -5.49
O1 SO4 K . 28.21 -6.31 -6.61
O2 SO4 K . 26.11 -5.38 -5.94
O3 SO4 K . 27.05 -7.13 -4.77
O4 SO4 K . 28.12 -4.91 -4.63
S SO4 L . 21.24 10.50 3.50
O1 SO4 L . 21.21 11.97 3.23
O2 SO4 L . 20.14 9.73 2.81
O3 SO4 L . 21.09 10.12 4.92
O4 SO4 L . 22.58 10.13 2.99
#